data_4NS4
#
_entry.id   4NS4
#
_cell.length_a   53.200
_cell.length_b   59.400
_cell.length_c   105.500
_cell.angle_alpha   90.00
_cell.angle_beta   90.00
_cell.angle_gamma   90.00
#
_symmetry.space_group_name_H-M   'P 21 21 21'
#
loop_
_entity.id
_entity.type
_entity.pdbx_description
1 polymer 'Alpha/beta hydrolase fold protein'
2 water water
#
_entity_poly.entity_id   1
_entity_poly.type   'polypeptide(L)'
_entity_poly.pdbx_seq_one_letter_code
;MLLKRLGLATLLSFSVVGCTTAPNTLAINTTQKIIQYERSKSDLTTQSFTLSSGDKIVYAENGNVAGEPLLLVHGFGGNK
DNFTRIARQLENYNLIIPDLLGFGDSSKPMAADYHSEAQATRLHELLQAKGLASSIHVGGNSMGGAISVAYAAKYPKEVK
SLWLIDSAGFWSAGVPKSLESATLENNPLLVDKKEDFYAMYDFVMSKPPYIPKSVKAVFAQERIANKALESKILAQIVED
NVEQRAKVITEYNIPTLVVWGEEDKVIKPETVTLIKEIIPQSQVITMPKIGHVPMIEAVKDTANDYKAFREGLKNVEHHH
HHH
;
_entity_poly.pdbx_strand_id   A
#
# COMPACT_ATOMS: atom_id res chain seq x y z
N ASN A 29 -28.95 1.34 -6.07
CA ASN A 29 -28.51 2.72 -6.44
C ASN A 29 -28.16 3.50 -5.16
N THR A 30 -26.89 3.40 -4.72
CA THR A 30 -26.35 3.99 -3.45
C THR A 30 -24.78 3.82 -3.40
N THR A 31 -24.06 4.75 -2.76
CA THR A 31 -22.57 4.74 -2.88
C THR A 31 -21.97 3.49 -2.16
N GLN A 32 -22.55 3.18 -1.00
CA GLN A 32 -22.10 2.08 -0.19
C GLN A 32 -22.32 0.74 -0.95
N LYS A 33 -23.43 0.62 -1.66
CA LYS A 33 -23.65 -0.50 -2.57
C LYS A 33 -22.58 -0.56 -3.70
N ILE A 34 -22.18 0.58 -4.25
CA ILE A 34 -21.14 0.57 -5.30
C ILE A 34 -19.75 0.08 -4.76
N ILE A 35 -19.42 0.48 -3.54
CA ILE A 35 -18.15 0.14 -2.91
C ILE A 35 -18.07 -1.34 -2.58
N GLN A 36 -19.20 -1.88 -2.10
CA GLN A 36 -19.30 -3.29 -1.81
C GLN A 36 -19.37 -4.12 -3.11
N TYR A 37 -20.03 -3.60 -4.14
CA TYR A 37 -20.06 -4.29 -5.41
C TYR A 37 -18.65 -4.53 -5.96
N GLU A 38 -17.85 -3.47 -5.95
CA GLU A 38 -16.45 -3.63 -6.34
C GLU A 38 -15.68 -4.66 -5.55
N ARG A 39 -15.89 -4.67 -4.23
CA ARG A 39 -15.14 -5.60 -3.37
C ARG A 39 -15.56 -7.02 -3.71
N SER A 40 -16.87 -7.22 -3.87
CA SER A 40 -17.39 -8.55 -4.12
C SER A 40 -16.91 -9.02 -5.51
N LYS A 41 -16.90 -8.12 -6.47
CA LYS A 41 -16.45 -8.44 -7.77
C LYS A 41 -14.96 -8.89 -7.74
N SER A 42 -14.16 -8.35 -6.81
CA SER A 42 -12.77 -8.84 -6.65
C SER A 42 -12.61 -9.95 -5.65
N ASP A 43 -13.73 -10.59 -5.25
CA ASP A 43 -13.73 -11.78 -4.36
C ASP A 43 -13.15 -11.46 -2.97
N LEU A 44 -13.31 -10.20 -2.54
CA LEU A 44 -12.82 -9.77 -1.25
C LEU A 44 -13.96 -9.79 -0.23
N THR A 45 -13.62 -10.08 1.02
CA THR A 45 -14.54 -10.00 2.17
C THR A 45 -13.85 -9.19 3.22
N THR A 46 -14.55 -8.25 3.83
CA THR A 46 -13.98 -7.50 4.94
C THR A 46 -14.05 -8.27 6.29
N GLN A 47 -13.00 -8.22 7.09
CA GLN A 47 -13.02 -8.80 8.44
C GLN A 47 -12.36 -7.78 9.34
N SER A 48 -12.30 -8.06 10.64
CA SER A 48 -11.70 -7.19 11.66
C SER A 48 -10.75 -8.00 12.51
N PHE A 49 -9.55 -7.50 12.81
CA PHE A 49 -8.70 -8.26 13.63
C PHE A 49 -8.42 -7.36 14.80
N THR A 50 -8.38 -7.94 16.01
CA THR A 50 -8.19 -7.19 17.22
C THR A 50 -6.78 -7.32 17.62
N LEU A 51 -6.09 -6.19 17.65
CA LEU A 51 -4.70 -6.17 18.03
C LEU A 51 -4.54 -6.37 19.56
N SER A 52 -3.31 -6.63 19.92
CA SER A 52 -2.81 -6.59 21.28
C SER A 52 -3.33 -5.46 22.14
N SER A 53 -3.30 -4.27 21.53
CA SER A 53 -3.78 -3.08 22.15
C SER A 53 -5.32 -3.06 22.35
N GLY A 54 -6.07 -3.97 21.71
CA GLY A 54 -7.54 -3.81 21.60
C GLY A 54 -7.99 -3.02 20.40
N ASP A 55 -7.09 -2.29 19.77
CA ASP A 55 -7.42 -1.58 18.54
C ASP A 55 -7.62 -2.55 17.36
N LYS A 56 -8.38 -2.08 16.37
CA LYS A 56 -8.84 -2.92 15.25
C LYS A 56 -8.14 -2.52 13.95
N ILE A 57 -7.67 -3.56 13.24
CA ILE A 57 -7.32 -3.48 11.86
C ILE A 57 -8.44 -4.15 11.04
N VAL A 58 -9.03 -3.37 10.15
CA VAL A 58 -10.01 -3.88 9.22
C VAL A 58 -9.20 -4.19 8.01
N TYR A 59 -9.54 -5.27 7.32
CA TYR A 59 -8.78 -5.71 6.17
C TYR A 59 -9.68 -6.51 5.23
N ALA A 60 -9.27 -6.61 3.96
CA ALA A 60 -9.99 -7.35 2.94
C ALA A 60 -9.19 -8.60 2.68
N GLU A 61 -9.88 -9.70 2.41
CA GLU A 61 -9.21 -10.93 2.15
C GLU A 61 -10.02 -11.60 1.07
N ASN A 62 -9.29 -12.36 0.28
CA ASN A 62 -10.00 -13.09 -0.77
C ASN A 62 -10.15 -14.52 -0.35
N GLY A 63 -9.52 -14.89 0.75
CA GLY A 63 -9.71 -16.21 1.27
C GLY A 63 -9.18 -17.35 0.38
N ASN A 64 -8.36 -17.06 -0.63
CA ASN A 64 -7.67 -18.11 -1.40
C ASN A 64 -6.68 -18.87 -0.56
N VAL A 65 -7.17 -19.77 0.31
CA VAL A 65 -6.30 -20.48 1.25
C VAL A 65 -5.20 -21.31 0.58
N ALA A 66 -5.41 -21.69 -0.69
CA ALA A 66 -4.45 -22.46 -1.52
C ALA A 66 -3.25 -21.67 -2.07
N GLY A 67 -3.26 -20.35 -1.93
CA GLY A 67 -2.25 -19.50 -2.56
C GLY A 67 -1.21 -19.06 -1.60
N GLU A 68 -0.08 -18.61 -2.11
CA GLU A 68 0.88 -18.08 -1.18
C GLU A 68 0.37 -16.72 -0.75
N PRO A 69 0.54 -16.37 0.53
CA PRO A 69 -0.04 -15.14 0.99
C PRO A 69 0.69 -13.87 0.48
N LEU A 70 -0.08 -12.81 0.24
CA LEU A 70 0.46 -11.47 -0.13
C LEU A 70 -0.23 -10.35 0.63
N LEU A 71 0.59 -9.58 1.32
CA LEU A 71 0.14 -8.41 2.08
C LEU A 71 0.32 -7.16 1.24
N LEU A 72 -0.77 -6.45 0.93
CA LEU A 72 -0.74 -5.23 0.11
C LEU A 72 -1.05 -4.00 0.99
N VAL A 73 -0.11 -3.06 1.06
CA VAL A 73 -0.20 -1.97 1.96
C VAL A 73 -0.38 -0.58 1.25
N HIS A 74 -1.43 0.13 1.62
CA HIS A 74 -1.79 1.39 0.94
C HIS A 74 -1.01 2.56 1.40
N GLY A 75 -1.10 3.67 0.70
CA GLY A 75 -0.34 4.93 1.04
C GLY A 75 -1.14 5.94 1.87
N PHE A 76 -0.46 7.02 2.26
CA PHE A 76 -1.08 8.06 3.04
C PHE A 76 -2.35 8.61 2.44
N GLY A 77 -3.37 8.72 3.30
CA GLY A 77 -4.77 9.08 2.99
C GLY A 77 -5.63 7.94 2.41
N GLY A 78 -4.97 7.01 1.67
CA GLY A 78 -5.61 5.90 0.96
C GLY A 78 -6.14 4.91 1.93
N ASN A 79 -6.55 3.75 1.43
CA ASN A 79 -7.08 2.69 2.24
C ASN A 79 -7.06 1.42 1.40
N LYS A 80 -7.57 0.34 1.97
CA LYS A 80 -7.57 -0.92 1.33
C LYS A 80 -8.19 -0.93 -0.05
N ASP A 81 -9.13 -0.03 -0.36
CA ASP A 81 -9.75 -0.03 -1.66
C ASP A 81 -8.84 0.50 -2.74
N ASN A 82 -7.67 0.99 -2.35
CA ASN A 82 -6.65 1.37 -3.31
C ASN A 82 -6.16 0.12 -4.04
N PHE A 83 -6.32 -1.09 -3.48
CA PHE A 83 -6.00 -2.36 -4.18
C PHE A 83 -7.22 -3.21 -4.69
N THR A 84 -8.43 -2.71 -4.47
CA THR A 84 -9.60 -3.48 -4.80
C THR A 84 -9.63 -3.82 -6.31
N ARG A 85 -9.34 -2.88 -7.20
CA ARG A 85 -9.32 -3.20 -8.67
C ARG A 85 -8.19 -4.20 -9.04
N ILE A 86 -7.01 -3.99 -8.50
CA ILE A 86 -5.89 -4.85 -8.86
C ILE A 86 -6.01 -6.28 -8.25
N ALA A 87 -6.75 -6.36 -7.16
CA ALA A 87 -6.95 -7.61 -6.41
C ALA A 87 -7.63 -8.63 -7.31
N ARG A 88 -8.56 -8.15 -8.12
CA ARG A 88 -9.20 -8.93 -9.19
C ARG A 88 -8.22 -9.66 -10.11
N GLN A 89 -7.01 -9.10 -10.30
CA GLN A 89 -6.07 -9.70 -11.23
C GLN A 89 -4.89 -10.29 -10.51
N LEU A 90 -5.06 -10.50 -9.22
CA LEU A 90 -4.05 -11.17 -8.40
C LEU A 90 -4.71 -12.36 -7.67
N GLU A 91 -5.64 -12.95 -8.40
CA GLU A 91 -6.50 -14.04 -7.90
C GLU A 91 -5.75 -15.31 -7.45
N ASN A 92 -4.49 -15.51 -7.85
CA ASN A 92 -3.68 -16.69 -7.41
C ASN A 92 -3.05 -16.57 -6.06
N TYR A 93 -3.22 -15.43 -5.41
CA TYR A 93 -2.60 -15.28 -4.10
C TYR A 93 -3.64 -15.27 -3.03
N ASN A 94 -3.21 -15.53 -1.80
CA ASN A 94 -4.07 -15.35 -0.64
C ASN A 94 -3.88 -13.93 -0.14
N LEU A 95 -4.76 -13.05 -0.59
CA LEU A 95 -4.56 -11.60 -0.38
C LEU A 95 -5.07 -11.10 0.98
N ILE A 96 -4.25 -10.30 1.65
CA ILE A 96 -4.58 -9.67 2.90
C ILE A 96 -4.33 -8.19 2.63
N ILE A 97 -5.38 -7.41 2.65
CA ILE A 97 -5.27 -6.04 2.24
C ILE A 97 -5.81 -5.16 3.35
N PRO A 98 -4.95 -4.65 4.21
CA PRO A 98 -5.50 -3.89 5.38
C PRO A 98 -5.75 -2.41 5.19
N ASP A 99 -6.73 -1.89 5.93
CA ASP A 99 -6.76 -0.50 6.31
C ASP A 99 -5.72 -0.35 7.43
N LEU A 100 -4.64 0.39 7.19
CA LEU A 100 -3.65 0.63 8.27
C LEU A 100 -4.37 1.30 9.46
N LEU A 101 -3.84 1.09 10.65
CA LEU A 101 -4.28 1.81 11.79
C LEU A 101 -4.02 3.27 11.42
N GLY A 102 -5.04 4.11 11.67
CA GLY A 102 -5.07 5.52 11.37
C GLY A 102 -5.92 5.81 10.20
N PHE A 103 -6.27 4.76 9.45
CA PHE A 103 -6.80 4.93 8.12
C PHE A 103 -8.03 4.03 7.89
N GLY A 104 -8.84 4.44 6.93
CA GLY A 104 -9.91 3.55 6.42
C GLY A 104 -10.95 3.27 7.50
N ASP A 105 -11.28 2.01 7.72
CA ASP A 105 -12.27 1.60 8.68
C ASP A 105 -11.57 1.13 9.92
N SER A 106 -10.24 1.19 9.94
CA SER A 106 -9.53 0.74 11.13
C SER A 106 -9.63 1.79 12.23
N SER A 107 -9.20 1.41 13.44
CA SER A 107 -9.26 2.32 14.57
C SER A 107 -8.19 3.36 14.26
N LYS A 108 -8.37 4.50 14.92
CA LYS A 108 -7.72 5.76 14.71
C LYS A 108 -7.30 6.35 16.06
N PRO A 109 -6.54 5.59 16.83
CA PRO A 109 -6.13 6.20 18.13
C PRO A 109 -5.19 7.41 17.97
N MET A 110 -5.57 8.48 18.61
CA MET A 110 -4.95 9.78 18.38
C MET A 110 -3.49 9.86 18.78
N ALA A 111 -3.09 9.08 19.78
CA ALA A 111 -1.78 9.26 20.43
C ALA A 111 -0.81 8.18 19.98
N ALA A 112 -1.21 7.39 19.00
CA ALA A 112 -0.44 6.22 18.63
C ALA A 112 0.77 6.63 17.70
N ASP A 113 1.75 5.77 17.67
CA ASP A 113 2.90 5.87 16.81
C ASP A 113 2.49 5.28 15.45
N TYR A 114 2.48 6.16 14.44
CA TYR A 114 2.22 5.81 13.03
C TYR A 114 3.44 5.75 12.06
N HIS A 115 4.62 5.53 12.62
CA HIS A 115 5.83 5.31 11.83
C HIS A 115 5.76 3.91 11.29
N SER A 116 6.63 3.68 10.34
CA SER A 116 6.56 2.51 9.56
C SER A 116 6.82 1.27 10.37
N GLU A 117 7.81 1.33 11.25
CA GLU A 117 8.12 0.24 12.15
C GLU A 117 6.91 -0.16 13.00
N ALA A 118 6.26 0.81 13.64
CA ALA A 118 5.07 0.48 14.47
C ALA A 118 3.99 -0.13 13.54
N GLN A 119 3.81 0.47 12.37
CA GLN A 119 2.79 -0.03 11.44
C GLN A 119 3.14 -1.41 10.99
N ALA A 120 4.43 -1.67 10.69
CA ALA A 120 4.82 -2.99 10.26
C ALA A 120 4.52 -4.07 11.30
N THR A 121 4.77 -3.77 12.56
CA THR A 121 4.61 -4.75 13.66
C THR A 121 3.16 -5.12 13.86
N ARG A 122 2.24 -4.20 13.76
CA ARG A 122 0.84 -4.57 13.85
C ARG A 122 0.46 -5.50 12.73
N LEU A 123 0.99 -5.25 11.53
CA LEU A 123 0.67 -6.11 10.39
C LEU A 123 1.22 -7.51 10.65
N HIS A 124 2.39 -7.64 11.24
CA HIS A 124 2.89 -8.98 11.62
C HIS A 124 1.97 -9.62 12.62
N GLU A 125 1.49 -8.87 13.62
CA GLU A 125 0.46 -9.46 14.49
C GLU A 125 -0.71 -10.12 13.72
N LEU A 126 -1.24 -9.42 12.73
CA LEU A 126 -2.44 -9.90 12.01
C LEU A 126 -2.08 -11.16 11.27
N LEU A 127 -0.98 -11.08 10.53
CA LEU A 127 -0.55 -12.21 9.76
C LEU A 127 -0.24 -13.37 10.71
N GLN A 128 0.47 -13.16 11.81
CA GLN A 128 0.73 -14.30 12.73
C GLN A 128 -0.56 -15.00 13.16
N ALA A 129 -1.56 -14.26 13.64
CA ALA A 129 -2.80 -14.84 14.08
C ALA A 129 -3.52 -15.61 12.97
N LYS A 130 -3.29 -15.26 11.71
CA LYS A 130 -3.94 -16.01 10.64
C LYS A 130 -3.06 -17.16 10.19
N GLY A 131 -1.92 -17.32 10.81
CA GLY A 131 -0.93 -18.36 10.40
C GLY A 131 -0.26 -18.08 9.05
N LEU A 132 -0.14 -16.81 8.68
CA LEU A 132 0.32 -16.47 7.34
C LEU A 132 1.64 -15.71 7.41
N ALA A 133 2.17 -15.58 8.61
CA ALA A 133 3.33 -14.75 8.86
C ALA A 133 4.62 -15.43 8.35
N SER A 134 4.72 -16.74 8.55
CA SER A 134 6.02 -17.40 8.51
C SER A 134 6.60 -17.43 7.09
N SER A 135 5.73 -17.50 6.08
CA SER A 135 6.15 -17.24 4.71
C SER A 135 5.19 -16.27 3.97
N ILE A 136 5.69 -15.07 3.61
CA ILE A 136 4.80 -13.98 3.24
C ILE A 136 5.42 -13.18 2.08
N HIS A 137 4.61 -12.83 1.07
CA HIS A 137 5.01 -11.80 0.11
C HIS A 137 4.33 -10.45 0.47
N VAL A 138 5.01 -9.35 0.18
CA VAL A 138 4.70 -8.05 0.70
C VAL A 138 4.81 -7.05 -0.50
N GLY A 139 3.79 -6.19 -0.63
CA GLY A 139 3.79 -5.00 -1.47
C GLY A 139 3.18 -3.77 -0.77
N GLY A 140 3.64 -2.58 -1.22
CA GLY A 140 3.11 -1.30 -0.80
C GLY A 140 3.29 -0.18 -1.77
N ASN A 141 2.35 0.75 -1.80
CA ASN A 141 2.44 2.05 -2.55
C ASN A 141 2.68 3.18 -1.57
N SER A 142 3.58 4.12 -1.93
CA SER A 142 3.83 5.37 -1.17
C SER A 142 4.27 5.00 0.23
N MET A 143 3.67 5.57 1.26
CA MET A 143 3.86 5.16 2.66
C MET A 143 3.87 3.61 2.89
N GLY A 144 2.98 2.91 2.21
CA GLY A 144 2.81 1.46 2.35
C GLY A 144 4.08 0.81 1.83
N GLY A 145 4.79 1.48 0.92
CA GLY A 145 6.11 1.00 0.50
C GLY A 145 7.17 1.18 1.57
N ALA A 146 7.16 2.31 2.26
CA ALA A 146 8.09 2.49 3.38
C ALA A 146 7.73 1.49 4.47
N ILE A 147 6.44 1.24 4.72
CA ILE A 147 6.09 0.15 5.70
C ILE A 147 6.52 -1.20 5.25
N SER A 148 6.45 -1.47 3.94
CA SER A 148 6.87 -2.76 3.45
C SER A 148 8.39 -3.03 3.62
N VAL A 149 9.20 -2.00 3.44
CA VAL A 149 10.65 -2.05 3.73
C VAL A 149 10.90 -2.32 5.22
N ALA A 150 10.17 -1.61 6.11
CA ALA A 150 10.21 -1.75 7.57
C ALA A 150 9.92 -3.16 7.93
N TYR A 151 8.83 -3.69 7.39
CA TYR A 151 8.45 -5.06 7.58
C TYR A 151 9.53 -6.05 7.13
N ALA A 152 10.05 -5.83 5.94
CA ALA A 152 11.04 -6.75 5.41
C ALA A 152 12.34 -6.74 6.21
N ALA A 153 12.70 -5.57 6.72
CA ALA A 153 13.94 -5.40 7.46
C ALA A 153 13.81 -5.93 8.91
N LYS A 154 12.59 -6.03 9.41
CA LYS A 154 12.30 -6.53 10.75
C LYS A 154 12.03 -8.03 10.75
N TYR A 155 11.41 -8.56 9.71
CA TYR A 155 11.18 -9.99 9.59
C TYR A 155 11.83 -10.58 8.31
N PRO A 156 13.17 -10.44 8.16
CA PRO A 156 13.80 -10.89 6.91
C PRO A 156 13.69 -12.39 6.59
N LYS A 157 13.57 -13.23 7.60
CA LYS A 157 13.47 -14.68 7.37
C LYS A 157 12.11 -15.09 6.82
N GLU A 158 11.12 -14.21 6.98
CA GLU A 158 9.75 -14.58 6.63
C GLU A 158 9.28 -14.01 5.26
N VAL A 159 9.90 -12.92 4.84
CA VAL A 159 9.47 -12.19 3.63
C VAL A 159 10.21 -12.77 2.43
N LYS A 160 9.45 -13.31 1.48
CA LYS A 160 10.02 -14.01 0.32
C LYS A 160 10.18 -13.13 -0.89
N SER A 161 9.37 -12.04 -0.98
CA SER A 161 9.54 -11.03 -2.03
C SER A 161 8.87 -9.74 -1.64
N LEU A 162 9.29 -8.67 -2.30
CA LEU A 162 8.96 -7.33 -1.94
C LEU A 162 8.63 -6.52 -3.19
N TRP A 163 7.57 -5.71 -3.12
CA TRP A 163 7.05 -4.95 -4.27
C TRP A 163 6.85 -3.55 -3.79
N LEU A 164 7.66 -2.64 -4.35
CA LEU A 164 7.68 -1.27 -3.97
C LEU A 164 7.14 -0.38 -5.12
N ILE A 165 5.96 0.19 -4.89
CA ILE A 165 5.25 0.92 -5.90
C ILE A 165 5.29 2.41 -5.50
N ASP A 166 6.15 3.16 -6.15
CA ASP A 166 6.36 4.59 -5.88
C ASP A 166 6.50 4.82 -4.36
N SER A 167 7.32 3.97 -3.76
CA SER A 167 7.58 3.95 -2.33
C SER A 167 8.07 5.27 -1.79
N ALA A 168 7.59 5.59 -0.60
CA ALA A 168 8.14 6.68 0.23
C ALA A 168 9.32 6.16 0.97
N GLY A 169 9.99 7.07 1.68
CA GLY A 169 11.06 6.72 2.63
C GLY A 169 12.48 6.68 2.06
N PHE A 170 12.61 6.96 0.75
CA PHE A 170 13.95 7.05 0.14
C PHE A 170 14.30 8.49 -0.26
N TRP A 171 14.80 9.32 0.65
CA TRP A 171 15.04 10.74 0.28
C TRP A 171 16.35 11.02 -0.49
N SER A 172 16.09 11.29 -1.78
CA SER A 172 17.02 11.59 -2.81
C SER A 172 16.97 13.10 -3.08
N PRO A 188 0.82 19.56 3.32
CA PRO A 188 1.04 20.80 2.56
C PRO A 188 0.03 21.04 1.40
N LEU A 189 -0.53 19.94 0.92
CA LEU A 189 -1.01 19.75 -0.46
C LEU A 189 -1.13 18.22 -0.69
N LEU A 190 -0.49 17.46 0.19
CA LEU A 190 -0.96 16.11 0.50
C LEU A 190 -2.12 16.10 1.53
N VAL A 191 -2.33 17.16 2.32
CA VAL A 191 -3.36 17.11 3.40
C VAL A 191 -4.67 17.78 2.97
N ASP A 192 -5.78 17.35 3.57
CA ASP A 192 -7.10 17.64 3.02
C ASP A 192 -8.09 18.27 4.04
N LYS A 193 -8.50 19.52 3.75
CA LYS A 193 -9.32 20.40 4.63
C LYS A 193 -10.77 20.42 4.19
N LYS A 194 -11.04 20.55 2.88
CA LYS A 194 -12.40 20.69 2.33
C LYS A 194 -12.63 19.93 1.03
N GLU A 195 -13.89 19.65 0.71
CA GLU A 195 -14.36 18.98 -0.53
C GLU A 195 -13.53 19.18 -1.81
N ASP A 196 -13.23 20.44 -2.07
CA ASP A 196 -12.77 20.87 -3.38
C ASP A 196 -11.28 21.15 -3.30
N PHE A 197 -10.65 20.63 -2.24
CA PHE A 197 -9.24 20.37 -2.25
C PHE A 197 -8.98 19.22 -3.24
N TYR A 198 -9.79 18.15 -3.17
CA TYR A 198 -9.74 17.12 -4.20
C TYR A 198 -9.42 17.67 -5.65
N ALA A 199 -8.24 17.31 -6.15
CA ALA A 199 -7.38 18.16 -7.05
C ALA A 199 -5.92 18.01 -6.51
N MET A 200 -5.86 17.49 -5.30
CA MET A 200 -4.85 16.51 -5.07
C MET A 200 -5.00 15.31 -6.06
N TYR A 201 -6.19 15.00 -6.57
CA TYR A 201 -6.32 14.05 -7.71
C TYR A 201 -5.41 14.29 -8.92
N ASP A 202 -5.52 15.49 -9.46
CA ASP A 202 -4.67 15.92 -10.55
C ASP A 202 -3.22 15.82 -10.14
N PHE A 203 -2.90 16.13 -8.91
CA PHE A 203 -1.50 16.05 -8.52
C PHE A 203 -1.05 14.57 -8.44
N VAL A 204 -1.91 13.69 -7.94
CA VAL A 204 -1.45 12.32 -7.57
C VAL A 204 -1.53 11.32 -8.73
N MET A 205 -2.30 11.64 -9.78
CA MET A 205 -2.51 10.73 -10.92
C MET A 205 -2.35 11.42 -12.27
N SER A 206 -1.89 10.66 -13.28
CA SER A 206 -1.97 11.07 -14.66
C SER A 206 -3.13 10.41 -15.40
N LYS A 207 -3.45 9.16 -15.05
CA LYS A 207 -4.55 8.43 -15.70
C LYS A 207 -5.58 7.97 -14.68
N PRO A 208 -6.25 8.94 -14.03
CA PRO A 208 -7.28 8.56 -13.05
C PRO A 208 -8.40 7.73 -13.70
N PRO A 209 -8.83 6.65 -13.09
CA PRO A 209 -9.92 5.89 -13.63
C PRO A 209 -11.28 6.59 -13.28
N TYR A 210 -12.28 6.37 -14.13
CA TYR A 210 -13.61 6.86 -13.88
C TYR A 210 -14.15 6.25 -12.55
N ILE A 211 -14.51 7.11 -11.64
CA ILE A 211 -15.19 6.71 -10.39
C ILE A 211 -16.39 7.69 -10.20
N PRO A 212 -17.63 7.18 -9.98
CA PRO A 212 -18.79 8.11 -9.78
C PRO A 212 -18.49 9.13 -8.70
N LYS A 213 -18.96 10.35 -8.93
CA LYS A 213 -18.70 11.44 -8.01
C LYS A 213 -19.11 11.15 -6.54
N SER A 214 -20.20 10.37 -6.34
CA SER A 214 -20.68 10.01 -5.01
C SER A 214 -19.64 9.15 -4.25
N VAL A 215 -18.98 8.23 -4.97
CA VAL A 215 -17.97 7.39 -4.36
C VAL A 215 -16.75 8.19 -3.94
N LYS A 216 -16.26 9.03 -4.86
CA LYS A 216 -15.18 9.92 -4.54
C LYS A 216 -15.56 10.76 -3.35
N ALA A 217 -16.83 11.19 -3.29
CA ALA A 217 -17.26 12.11 -2.24
C ALA A 217 -17.23 11.44 -0.86
N VAL A 218 -17.53 10.16 -0.78
CA VAL A 218 -17.48 9.37 0.48
C VAL A 218 -16.07 9.24 0.93
N PHE A 219 -15.20 8.99 -0.04
CA PHE A 219 -13.80 8.87 0.29
C PHE A 219 -13.24 10.22 0.79
N ALA A 220 -13.64 11.31 0.16
CA ALA A 220 -13.17 12.62 0.52
C ALA A 220 -13.67 13.01 1.90
N GLN A 221 -14.95 12.72 2.22
CA GLN A 221 -15.45 12.98 3.57
C GLN A 221 -14.68 12.21 4.65
N GLU A 222 -14.30 10.98 4.33
CA GLU A 222 -13.54 10.16 5.29
C GLU A 222 -12.22 10.81 5.62
N ARG A 223 -11.52 11.33 4.63
CA ARG A 223 -10.33 12.14 4.95
C ARG A 223 -10.57 13.45 5.69
N ILE A 224 -11.55 14.21 5.25
CA ILE A 224 -11.89 15.43 5.97
C ILE A 224 -12.23 15.06 7.43
N ALA A 225 -13.05 14.04 7.66
CA ALA A 225 -13.42 13.60 9.02
C ALA A 225 -12.18 13.25 9.84
N ASN A 226 -11.10 12.79 9.19
CA ASN A 226 -9.90 12.38 9.92
C ASN A 226 -8.75 13.39 9.83
N LYS A 227 -9.03 14.65 9.53
CA LYS A 227 -7.91 15.51 9.14
C LYS A 227 -7.00 15.87 10.32
N ALA A 228 -7.52 15.88 11.53
CA ALA A 228 -6.65 16.19 12.65
C ALA A 228 -5.57 15.13 12.69
N LEU A 229 -5.98 13.88 12.66
CA LEU A 229 -5.02 12.78 12.76
C LEU A 229 -4.09 12.68 11.55
N GLU A 230 -4.64 12.97 10.37
CA GLU A 230 -3.85 13.01 9.15
C GLU A 230 -2.67 13.99 9.20
N SER A 231 -2.85 15.21 9.74
CA SER A 231 -1.70 16.16 9.98
C SER A 231 -0.66 15.55 10.89
N LYS A 232 -1.10 15.04 12.02
CA LYS A 232 -0.26 14.27 12.92
C LYS A 232 0.54 13.15 12.22
N ILE A 233 -0.16 12.25 11.53
CA ILE A 233 0.50 11.14 10.82
C ILE A 233 1.46 11.68 9.75
N LEU A 234 1.05 12.67 8.96
CA LEU A 234 1.95 13.20 7.89
C LEU A 234 3.27 13.67 8.50
N ALA A 235 3.17 14.42 9.59
CA ALA A 235 4.32 14.97 10.32
C ALA A 235 5.21 13.85 10.80
N GLN A 236 4.59 12.80 11.33
CA GLN A 236 5.36 11.61 11.67
C GLN A 236 6.12 11.01 10.46
N ILE A 237 5.47 10.86 9.32
CA ILE A 237 6.08 10.02 8.26
C ILE A 237 6.98 10.78 7.22
N VAL A 238 6.73 12.08 7.07
CA VAL A 238 7.63 13.01 6.37
C VAL A 238 9.10 12.72 6.76
N GLU A 239 9.35 12.29 7.98
CA GLU A 239 10.70 12.15 8.51
C GLU A 239 11.16 10.69 8.58
N ASP A 240 10.30 9.76 8.20
CA ASP A 240 10.53 8.33 8.42
C ASP A 240 11.30 7.82 7.18
N ASN A 241 12.59 7.61 7.33
CA ASN A 241 13.51 7.34 6.21
C ASN A 241 13.88 5.89 6.37
N VAL A 242 13.90 5.15 5.29
CA VAL A 242 13.91 3.69 5.41
C VAL A 242 15.19 3.19 4.71
N GLU A 243 16.05 4.15 4.28
CA GLU A 243 17.27 3.81 3.52
C GLU A 243 18.20 2.88 4.30
N GLN A 244 18.35 3.11 5.60
CA GLN A 244 19.27 2.27 6.41
C GLN A 244 18.72 0.87 6.61
N ARG A 245 17.43 0.76 6.94
CA ARG A 245 16.77 -0.58 7.04
C ARG A 245 16.82 -1.37 5.76
N ALA A 246 16.73 -0.68 4.61
CA ALA A 246 16.67 -1.34 3.30
C ALA A 246 17.90 -2.19 3.05
N LYS A 247 19.02 -1.87 3.71
CA LYS A 247 20.24 -2.74 3.69
C LYS A 247 20.00 -4.18 4.08
N VAL A 248 19.04 -4.44 4.96
CA VAL A 248 18.73 -5.84 5.42
C VAL A 248 18.11 -6.55 4.20
N ILE A 249 17.41 -5.80 3.35
CA ILE A 249 16.84 -6.41 2.15
C ILE A 249 17.99 -6.92 1.26
N THR A 250 18.98 -6.07 1.04
CA THR A 250 20.18 -6.45 0.28
C THR A 250 20.90 -7.64 1.01
N GLU A 251 21.16 -7.50 2.30
CA GLU A 251 21.83 -8.54 3.11
C GLU A 251 21.15 -9.90 2.96
N TYR A 252 19.82 -9.96 2.98
CA TYR A 252 19.14 -11.28 2.84
C TYR A 252 18.84 -11.61 1.38
N ASN A 253 19.29 -10.76 0.50
CA ASN A 253 18.98 -10.90 -0.88
C ASN A 253 17.49 -11.10 -1.11
N ILE A 254 16.64 -10.31 -0.46
CA ILE A 254 15.19 -10.51 -0.71
C ILE A 254 14.84 -10.02 -2.14
N PRO A 255 14.22 -10.86 -2.99
CA PRO A 255 13.89 -10.37 -4.32
C PRO A 255 12.99 -9.14 -4.28
N THR A 256 13.29 -8.12 -5.12
CA THR A 256 12.62 -6.86 -5.06
C THR A 256 12.26 -6.31 -6.42
N LEU A 257 10.97 -6.01 -6.60
CA LEU A 257 10.48 -5.33 -7.77
C LEU A 257 10.14 -3.90 -7.35
N VAL A 258 10.75 -2.92 -8.04
CA VAL A 258 10.53 -1.49 -7.83
C VAL A 258 9.78 -0.90 -9.06
N VAL A 259 8.65 -0.26 -8.82
CA VAL A 259 7.78 0.21 -9.93
C VAL A 259 7.52 1.68 -9.67
N TRP A 260 7.51 2.49 -10.74
CA TRP A 260 7.33 3.91 -10.67
C TRP A 260 6.57 4.46 -11.87
N GLY A 261 5.73 5.45 -11.63
CA GLY A 261 5.19 6.24 -12.73
C GLY A 261 6.17 7.31 -13.15
N GLU A 262 6.46 7.37 -14.46
CA GLU A 262 7.34 8.41 -14.96
C GLU A 262 6.86 9.81 -14.75
N GLU A 263 5.54 10.01 -14.62
CA GLU A 263 4.97 11.30 -14.39
C GLU A 263 4.64 11.57 -12.94
N ASP A 264 5.23 10.80 -12.03
CA ASP A 264 4.89 10.84 -10.64
C ASP A 264 5.42 12.17 -10.16
N LYS A 265 4.52 13.09 -9.80
CA LYS A 265 4.82 14.38 -9.29
C LYS A 265 4.91 14.36 -7.77
N VAL A 266 4.48 13.27 -7.08
CA VAL A 266 4.53 13.23 -5.57
C VAL A 266 5.93 12.87 -5.05
N ILE A 267 6.54 11.85 -5.62
CA ILE A 267 7.90 11.45 -5.35
C ILE A 267 8.51 11.19 -6.75
N LYS A 268 9.58 11.91 -7.08
CA LYS A 268 10.18 11.83 -8.41
C LYS A 268 10.68 10.39 -8.81
N PRO A 269 10.53 10.02 -10.08
CA PRO A 269 10.96 8.76 -10.64
C PRO A 269 12.50 8.51 -10.53
N GLU A 270 13.27 9.60 -10.44
CA GLU A 270 14.74 9.53 -10.15
C GLU A 270 15.12 8.76 -8.85
N THR A 271 14.20 8.70 -7.87
CA THR A 271 14.31 7.82 -6.68
C THR A 271 14.64 6.39 -7.06
N VAL A 272 14.17 5.86 -8.21
CA VAL A 272 14.57 4.48 -8.53
C VAL A 272 16.12 4.32 -8.59
N THR A 273 16.86 5.37 -8.97
CA THR A 273 18.35 5.35 -8.89
C THR A 273 18.81 5.00 -7.45
N LEU A 274 18.28 5.73 -6.47
CA LEU A 274 18.65 5.51 -5.04
C LEU A 274 18.23 4.13 -4.51
N ILE A 275 17.01 3.70 -4.82
CA ILE A 275 16.58 2.36 -4.35
C ILE A 275 17.54 1.28 -4.90
N LYS A 276 17.75 1.29 -6.20
CA LYS A 276 18.68 0.36 -6.91
C LYS A 276 20.10 0.41 -6.37
N GLU A 277 20.57 1.64 -6.07
CA GLU A 277 21.83 1.73 -5.34
C GLU A 277 21.83 0.96 -3.97
N ILE A 278 20.83 1.21 -3.14
CA ILE A 278 20.67 0.53 -1.82
C ILE A 278 20.37 -0.95 -1.97
N ILE A 279 19.63 -1.33 -3.01
CA ILE A 279 19.19 -2.73 -3.21
C ILE A 279 19.56 -3.08 -4.60
N PRO A 280 20.77 -3.66 -4.80
CA PRO A 280 21.25 -3.74 -6.13
C PRO A 280 20.62 -4.86 -6.88
N GLN A 281 20.03 -5.84 -6.18
CA GLN A 281 19.32 -6.89 -6.88
C GLN A 281 17.96 -6.48 -7.40
N SER A 282 17.53 -5.23 -7.10
CA SER A 282 16.21 -4.76 -7.55
C SER A 282 15.99 -4.88 -9.06
N GLN A 283 14.83 -5.42 -9.45
CA GLN A 283 14.26 -5.20 -10.76
C GLN A 283 13.42 -3.88 -10.75
N VAL A 284 13.76 -2.97 -11.67
CA VAL A 284 13.14 -1.67 -11.75
C VAL A 284 12.29 -1.55 -13.03
N ILE A 285 11.06 -1.05 -12.92
CA ILE A 285 10.16 -0.82 -14.06
C ILE A 285 9.58 0.56 -13.89
N THR A 286 9.77 1.44 -14.88
CA THR A 286 9.13 2.68 -14.92
C THR A 286 8.09 2.69 -16.01
N MET A 287 7.05 3.46 -15.74
CA MET A 287 5.82 3.35 -16.51
C MET A 287 5.50 4.72 -17.10
N PRO A 288 5.69 4.87 -18.42
CA PRO A 288 5.45 6.17 -19.04
C PRO A 288 4.03 6.66 -18.76
N LYS A 289 3.83 7.98 -18.66
CA LYS A 289 2.53 8.61 -18.70
C LYS A 289 1.61 8.20 -17.53
N ILE A 290 2.20 7.60 -16.46
CA ILE A 290 1.51 7.15 -15.26
C ILE A 290 2.05 7.98 -14.10
N GLY A 291 1.16 8.32 -13.18
CA GLY A 291 1.48 9.06 -11.97
C GLY A 291 1.92 8.19 -10.78
N HIS A 292 1.57 8.64 -9.56
CA HIS A 292 1.96 8.04 -8.25
C HIS A 292 1.30 6.77 -7.84
N VAL A 293 0.23 6.36 -8.52
CA VAL A 293 -0.50 5.16 -8.12
C VAL A 293 -0.74 4.23 -9.29
N PRO A 294 0.34 3.56 -9.78
CA PRO A 294 0.23 2.61 -10.89
C PRO A 294 -0.86 1.52 -10.73
N MET A 295 -1.02 0.98 -9.49
CA MET A 295 -2.04 -0.09 -9.23
C MET A 295 -3.51 0.37 -9.37
N ILE A 296 -3.70 1.69 -9.46
CA ILE A 296 -5.01 2.34 -9.78
C ILE A 296 -5.07 2.88 -11.18
N GLU A 297 -3.98 3.45 -11.66
CA GLU A 297 -3.96 4.11 -12.96
C GLU A 297 -3.70 3.13 -14.06
N ALA A 298 -2.95 2.06 -13.78
CA ALA A 298 -2.53 1.09 -14.82
C ALA A 298 -2.58 -0.30 -14.25
N VAL A 299 -3.82 -0.70 -14.01
CA VAL A 299 -4.19 -1.87 -13.20
C VAL A 299 -3.62 -3.11 -13.88
N LYS A 300 -3.97 -3.27 -15.13
CA LYS A 300 -3.59 -4.46 -15.88
C LYS A 300 -2.10 -4.44 -16.00
N ASP A 301 -1.22 -3.42 -16.63
CA ASP A 301 0.25 -3.47 -16.76
CA ASP A 301 0.22 -3.56 -16.78
C ASP A 301 0.90 -3.78 -15.42
N THR A 302 0.39 -3.15 -14.36
CA THR A 302 1.00 -3.26 -13.01
C THR A 302 0.86 -4.69 -12.47
N ALA A 303 -0.32 -5.26 -12.60
CA ALA A 303 -0.58 -6.62 -12.20
C ALA A 303 0.27 -7.62 -13.00
N ASN A 304 0.23 -7.47 -14.33
CA ASN A 304 1.03 -8.33 -15.25
C ASN A 304 2.52 -8.18 -14.98
N ASP A 305 3.00 -6.97 -14.73
CA ASP A 305 4.47 -6.81 -14.42
C ASP A 305 4.83 -7.54 -13.13
N TYR A 306 4.00 -7.40 -12.10
CA TYR A 306 4.25 -8.17 -10.87
C TYR A 306 4.14 -9.68 -11.02
N LYS A 307 3.13 -10.17 -11.71
CA LYS A 307 3.00 -11.62 -11.84
C LYS A 307 4.22 -12.13 -12.68
N ALA A 308 4.70 -11.39 -13.67
CA ALA A 308 5.86 -11.83 -14.42
C ALA A 308 7.06 -11.96 -13.47
N PHE A 309 7.26 -10.98 -12.60
CA PHE A 309 8.27 -11.03 -11.58
C PHE A 309 8.10 -12.27 -10.66
N ARG A 310 6.86 -12.48 -10.21
CA ARG A 310 6.62 -13.57 -9.26
C ARG A 310 6.99 -14.96 -9.92
N GLU A 311 6.64 -15.12 -11.19
CA GLU A 311 6.87 -16.37 -11.91
C GLU A 311 8.36 -16.57 -12.13
N GLY A 312 9.08 -15.50 -12.50
CA GLY A 312 10.53 -15.54 -12.58
C GLY A 312 11.24 -16.06 -11.33
N LEU A 313 10.59 -15.88 -10.19
CA LEU A 313 11.16 -16.39 -8.98
C LEU A 313 11.07 -17.94 -8.91
N LYS A 314 10.30 -18.57 -9.81
CA LYS A 314 10.15 -20.04 -9.90
C LYS A 314 10.72 -20.61 -11.20
#